data_7CG8
#
_entry.id   7CG8
#
_cell.length_a   54.590
_cell.length_b   71.050
_cell.length_c   100.440
_cell.angle_alpha   90.000
_cell.angle_beta   90.000
_cell.angle_gamma   90.000
#
_symmetry.space_group_name_H-M   'P 21 21 21'
#
loop_
_entity.id
_entity.type
_entity.pdbx_description
1 polymer 'Anti-sigma factor RsgI, N-terminal'
2 non-polymer 'ACETATE ION'
3 non-polymer 2,5,8,11,14,17,20,23,26,29,32,35,38,41,44,47,50,53,56,59,62,65,68,71,74,77,80-HEPTACOSAOXADOOCTACONTAN-82-OL
4 water water
#
_entity_poly.entity_id   1
_entity_poly.type   'polypeptide(L)'
_entity_poly.pdbx_seq_one_letter_code
;SVSPVEIAINPASEITATSAFISGTVTKFEQSKGFYGSGCNISLLYWEASNPMHVKVASSISKKDFPADISATIKDLKPH
TTYQFKVTVNFYFSSSLQTFKTLAL
;
_entity_poly.pdbx_strand_id   A,B,C,D
#
loop_
_chem_comp.id
_chem_comp.type
_chem_comp.name
_chem_comp.formula
ACT non-polymer 'ACETATE ION' 'C2 H3 O2 -1'
PEU non-polymer 2,5,8,11,14,17,20,23,26,29,32,35,38,41,44,47,50,53,56,59,62,65,68,71,74,77,80-HEPTACOSAOXADOOCTACONTAN-82-OL 'C55 H112 O28'
#
# COMPACT_ATOMS: atom_id res chain seq x y z
N SER A 1 9.48 -23.22 6.88
CA SER A 1 9.81 -22.39 5.69
C SER A 1 10.69 -21.20 6.08
N VAL A 2 11.16 -20.50 5.03
CA VAL A 2 11.94 -19.29 5.22
C VAL A 2 11.02 -18.08 5.41
N SER A 3 9.89 -18.06 4.72
CA SER A 3 9.02 -16.88 4.76
C SER A 3 8.31 -16.80 6.11
N PRO A 4 8.36 -15.65 6.79
CA PRO A 4 7.69 -15.54 8.09
C PRO A 4 6.18 -15.31 7.98
N VAL A 5 5.69 -14.98 6.80
CA VAL A 5 4.27 -14.74 6.58
C VAL A 5 3.81 -15.63 5.44
N GLU A 6 2.81 -16.46 5.69
CA GLU A 6 2.22 -17.31 4.67
C GLU A 6 0.72 -17.06 4.66
N ILE A 7 0.16 -16.79 3.49
CA ILE A 7 -1.27 -16.53 3.34
C ILE A 7 -1.79 -17.40 2.21
N ALA A 8 -2.76 -18.26 2.51
CA ALA A 8 -3.41 -19.10 1.52
C ALA A 8 -4.80 -18.53 1.23
N ILE A 9 -5.20 -18.62 -0.02
CA ILE A 9 -6.51 -18.15 -0.47
C ILE A 9 -7.21 -19.34 -1.10
N ASN A 10 -8.49 -19.50 -0.77
CA ASN A 10 -9.27 -20.60 -1.31
C ASN A 10 -10.10 -20.12 -2.48
N PRO A 11 -10.39 -20.98 -3.43
CA PRO A 11 -11.34 -20.59 -4.48
C PRO A 11 -12.68 -20.29 -3.87
N ALA A 12 -13.40 -19.37 -4.50
CA ALA A 12 -14.76 -19.09 -4.06
C ALA A 12 -15.60 -20.36 -4.23
N SER A 13 -16.51 -20.58 -3.30
CA SER A 13 -17.47 -21.67 -3.37
C SER A 13 -18.86 -21.13 -3.12
N GLU A 14 -19.85 -22.01 -3.25
CA GLU A 14 -21.25 -21.65 -3.03
C GLU A 14 -21.62 -20.43 -3.86
N ILE A 15 -21.17 -20.39 -5.11
CA ILE A 15 -21.45 -19.25 -5.97
C ILE A 15 -22.87 -19.34 -6.48
N THR A 16 -23.64 -18.28 -6.26
CA THR A 16 -24.99 -18.13 -6.79
C THR A 16 -25.02 -16.89 -7.69
N ALA A 17 -26.22 -16.49 -8.12
CA ALA A 17 -26.30 -15.26 -8.90
C ALA A 17 -25.97 -14.03 -8.06
N THR A 18 -26.11 -14.10 -6.73
CA THR A 18 -26.01 -12.91 -5.89
C THR A 18 -25.12 -13.10 -4.66
N SER A 19 -24.42 -14.23 -4.55
CA SER A 19 -23.62 -14.48 -3.36
C SER A 19 -22.49 -15.45 -3.68
N ALA A 20 -21.51 -15.48 -2.78
CA ALA A 20 -20.44 -16.46 -2.83
C ALA A 20 -19.81 -16.54 -1.45
N PHE A 21 -19.19 -17.68 -1.17
CA PHE A 21 -18.45 -17.90 0.07
C PHE A 21 -16.96 -17.79 -0.23
N ILE A 22 -16.30 -16.79 0.38
CA ILE A 22 -14.91 -16.47 0.12
C ILE A 22 -14.13 -16.65 1.41
N SER A 23 -12.92 -17.19 1.31
CA SER A 23 -12.20 -17.56 2.53
C SER A 23 -10.72 -17.73 2.23
N GLY A 24 -9.94 -17.70 3.30
CA GLY A 24 -8.53 -17.99 3.24
C GLY A 24 -7.97 -18.21 4.62
N THR A 25 -6.65 -18.36 4.71
CA THR A 25 -6.01 -18.69 5.97
C THR A 25 -4.65 -18.01 6.02
N VAL A 26 -4.36 -17.33 7.12
CA VAL A 26 -2.99 -16.91 7.42
C VAL A 26 -2.35 -18.10 8.13
N THR A 27 -1.60 -18.90 7.38
CA THR A 27 -1.05 -20.14 7.94
C THR A 27 0.17 -19.91 8.81
N LYS A 28 0.89 -18.80 8.61
CA LYS A 28 2.05 -18.49 9.42
C LYS A 28 2.18 -16.97 9.51
N PHE A 29 2.44 -16.48 10.72
CA PHE A 29 2.75 -15.07 10.92
C PHE A 29 3.73 -15.02 12.09
N GLU A 30 5.02 -15.00 11.75
CA GLU A 30 6.06 -15.00 12.79
C GLU A 30 6.05 -13.65 13.49
N GLN A 31 5.81 -13.65 14.80
CA GLN A 31 5.77 -12.42 15.58
C GLN A 31 7.16 -12.12 16.14
N SER A 32 7.40 -10.85 16.41
CA SER A 32 8.66 -10.40 16.96
C SER A 32 8.63 -10.48 18.48
N LYS A 33 9.81 -10.72 19.07
CA LYS A 33 9.96 -10.75 20.51
C LYS A 33 9.16 -9.66 21.20
N GLY A 34 9.37 -8.41 20.79
CA GLY A 34 8.76 -7.28 21.48
C GLY A 34 7.28 -7.15 21.28
N PHE A 35 6.72 -7.85 20.30
CA PHE A 35 5.29 -7.80 20.00
C PHE A 35 4.65 -9.18 20.13
N TYR A 36 5.06 -9.94 21.15
CA TYR A 36 4.42 -11.21 21.44
C TYR A 36 3.06 -10.95 22.09
N GLY A 37 2.04 -11.65 21.61
CA GLY A 37 0.69 -11.43 22.08
C GLY A 37 0.00 -10.23 21.49
N SER A 38 0.60 -9.57 20.51
CA SER A 38 0.03 -8.36 19.92
C SER A 38 -0.90 -8.71 18.75
N GLY A 39 -0.39 -9.40 17.75
CA GLY A 39 -1.21 -9.85 16.64
C GLY A 39 -1.11 -8.96 15.42
N CYS A 40 -2.05 -9.20 14.50
CA CYS A 40 -2.10 -8.50 13.24
C CYS A 40 -3.56 -8.35 12.82
N ASN A 41 -3.78 -7.49 11.83
CA ASN A 41 -5.08 -7.40 11.17
C ASN A 41 -5.11 -8.34 9.98
N ILE A 42 -6.18 -9.12 9.87
CA ILE A 42 -6.45 -9.92 8.69
C ILE A 42 -7.73 -9.39 8.09
N SER A 43 -7.70 -9.06 6.80
CA SER A 43 -8.88 -8.58 6.11
C SER A 43 -9.13 -9.38 4.84
N LEU A 44 -10.40 -9.54 4.52
CA LEU A 44 -10.87 -10.18 3.30
C LEU A 44 -11.50 -9.05 2.51
N LEU A 45 -10.91 -8.73 1.36
CA LEU A 45 -11.38 -7.65 0.51
C LEU A 45 -11.90 -8.21 -0.79
N TYR A 46 -12.95 -7.59 -1.34
CA TYR A 46 -13.48 -8.01 -2.62
C TYR A 46 -13.92 -6.81 -3.44
N TRP A 47 -13.97 -7.01 -4.75
CA TRP A 47 -14.29 -5.93 -5.66
C TRP A 47 -14.82 -6.52 -6.96
N GLU A 48 -15.57 -5.71 -7.70
CA GLU A 48 -15.84 -6.07 -9.09
C GLU A 48 -14.52 -6.02 -9.88
N ALA A 49 -14.29 -7.06 -10.68
CA ALA A 49 -13.04 -7.13 -11.44
C ALA A 49 -12.85 -5.91 -12.32
N SER A 50 -13.94 -5.35 -12.85
CA SER A 50 -13.83 -4.19 -13.70
C SER A 50 -13.42 -2.93 -12.95
N ASN A 51 -13.52 -2.93 -11.62
CA ASN A 51 -13.31 -1.73 -10.82
C ASN A 51 -12.45 -2.06 -9.61
N PRO A 52 -11.18 -2.39 -9.83
CA PRO A 52 -10.32 -2.83 -8.71
C PRO A 52 -9.89 -1.71 -7.78
N MET A 53 -10.20 -0.46 -8.08
CA MET A 53 -9.85 0.63 -7.18
C MET A 53 -10.82 0.78 -6.02
N HIS A 54 -12.02 0.21 -6.13
CA HIS A 54 -13.06 0.40 -5.12
C HIS A 54 -13.44 -0.95 -4.51
N VAL A 55 -12.91 -1.24 -3.35
CA VAL A 55 -13.10 -2.53 -2.70
C VAL A 55 -14.13 -2.38 -1.58
N LYS A 56 -14.63 -3.54 -1.13
CA LYS A 56 -15.42 -3.65 0.08
C LYS A 56 -14.70 -4.58 1.04
N VAL A 57 -14.86 -4.31 2.33
CA VAL A 57 -14.23 -5.08 3.41
C VAL A 57 -15.26 -6.11 3.87
N ALA A 58 -15.09 -7.35 3.42
CA ALA A 58 -16.02 -8.40 3.83
C ALA A 58 -15.80 -8.83 5.28
N SER A 59 -14.56 -8.81 5.75
CA SER A 59 -14.24 -9.22 7.10
C SER A 59 -12.92 -8.55 7.45
N SER A 60 -12.81 -8.07 8.68
CA SER A 60 -11.57 -7.49 9.17
C SER A 60 -11.48 -7.85 10.64
N ILE A 61 -10.47 -8.63 11.01
CA ILE A 61 -10.34 -9.14 12.36
C ILE A 61 -8.89 -9.00 12.84
N SER A 62 -8.73 -8.94 14.16
CA SER A 62 -7.43 -9.04 14.79
C SER A 62 -7.20 -10.48 15.23
N LYS A 63 -6.01 -10.99 14.98
CA LYS A 63 -5.64 -12.35 15.38
C LYS A 63 -4.21 -12.33 15.90
N LYS A 64 -3.95 -13.12 16.93
CA LYS A 64 -2.58 -13.27 17.42
C LYS A 64 -2.12 -14.71 17.46
N ASP A 65 -2.97 -15.66 17.08
CA ASP A 65 -2.66 -17.07 17.07
C ASP A 65 -2.82 -17.58 15.64
N PHE A 66 -1.92 -18.44 15.22
CA PHE A 66 -1.88 -18.92 13.85
C PHE A 66 -1.64 -20.42 13.82
N PRO A 67 -2.16 -21.11 12.79
CA PRO A 67 -2.89 -20.58 11.63
C PRO A 67 -4.24 -19.97 12.01
N ALA A 68 -4.70 -19.01 11.20
CA ALA A 68 -5.91 -18.26 11.45
C ALA A 68 -6.76 -18.20 10.19
N ASP A 69 -7.99 -18.70 10.26
CA ASP A 69 -8.90 -18.65 9.14
C ASP A 69 -9.67 -17.32 9.11
N ILE A 70 -10.09 -16.94 7.91
CA ILE A 70 -11.01 -15.82 7.74
C ILE A 70 -11.96 -16.18 6.61
N SER A 71 -13.24 -15.79 6.75
CA SER A 71 -14.22 -16.10 5.73
C SER A 71 -15.38 -15.13 5.80
N ALA A 72 -16.13 -15.11 4.72
CA ALA A 72 -17.37 -14.35 4.65
C ALA A 72 -18.21 -14.91 3.51
N THR A 73 -19.52 -14.87 3.69
CA THR A 73 -20.44 -14.96 2.56
C THR A 73 -20.70 -13.54 2.09
N ILE A 74 -20.24 -13.22 0.91
CA ILE A 74 -20.51 -11.92 0.29
C ILE A 74 -21.81 -12.05 -0.47
N LYS A 75 -22.66 -11.03 -0.38
CA LYS A 75 -24.04 -11.18 -0.82
C LYS A 75 -24.51 -9.89 -1.47
N ASP A 76 -25.72 -9.97 -2.02
CA ASP A 76 -26.27 -8.87 -2.81
C ASP A 76 -25.31 -8.45 -3.92
N LEU A 77 -24.64 -9.45 -4.51
CA LEU A 77 -23.77 -9.25 -5.66
C LEU A 77 -24.62 -9.10 -6.93
N LYS A 78 -24.01 -8.58 -7.97
CA LYS A 78 -24.65 -8.44 -9.28
C LYS A 78 -24.60 -9.77 -10.04
N PRO A 79 -25.71 -10.22 -10.60
CA PRO A 79 -25.67 -11.44 -11.42
C PRO A 79 -24.74 -11.31 -12.62
N HIS A 80 -24.23 -12.48 -13.04
CA HIS A 80 -23.31 -12.62 -14.18
C HIS A 80 -22.25 -11.52 -14.21
N THR A 81 -21.55 -11.37 -13.08
CA THR A 81 -20.54 -10.34 -12.93
C THR A 81 -19.30 -10.96 -12.30
N THR A 82 -18.13 -10.59 -12.82
CA THR A 82 -16.86 -11.11 -12.34
C THR A 82 -16.37 -10.30 -11.13
N TYR A 83 -16.03 -11.01 -10.07
CA TYR A 83 -15.51 -10.45 -8.84
C TYR A 83 -14.13 -11.03 -8.58
N GLN A 84 -13.35 -10.31 -7.78
CA GLN A 84 -12.09 -10.82 -7.27
C GLN A 84 -12.01 -10.54 -5.78
N PHE A 85 -11.16 -11.31 -5.11
CA PHE A 85 -10.93 -11.10 -3.70
C PHE A 85 -9.52 -11.53 -3.33
N LYS A 86 -9.09 -11.07 -2.16
CA LYS A 86 -7.81 -11.45 -1.59
C LYS A 86 -7.86 -11.33 -0.09
N VAL A 87 -6.89 -11.96 0.57
CA VAL A 87 -6.69 -11.86 2.01
C VAL A 87 -5.42 -11.05 2.20
N THR A 88 -5.50 -10.03 3.05
CA THR A 88 -4.38 -9.15 3.33
C THR A 88 -4.10 -9.12 4.83
N VAL A 89 -2.82 -9.08 5.17
CA VAL A 89 -2.36 -8.94 6.55
C VAL A 89 -1.79 -7.53 6.72
N ASN A 90 -2.32 -6.81 7.70
CA ASN A 90 -1.88 -5.45 8.00
C ASN A 90 -1.97 -4.54 6.77
N PHE A 91 -2.94 -4.82 5.88
CA PHE A 91 -3.16 -4.08 4.63
C PHE A 91 -1.87 -3.92 3.84
N TYR A 92 -0.96 -4.87 4.02
CA TYR A 92 0.35 -4.83 3.40
C TYR A 92 0.68 -6.12 2.67
N PHE A 93 0.78 -7.23 3.41
CA PHE A 93 0.98 -8.52 2.77
C PHE A 93 -0.33 -8.93 2.13
N SER A 94 -0.23 -9.61 0.99
CA SER A 94 -1.42 -10.09 0.32
C SER A 94 -1.24 -11.51 -0.20
N SER A 95 -2.32 -12.28 -0.12
CA SER A 95 -2.43 -13.50 -0.86
C SER A 95 -2.45 -13.22 -2.36
N SER A 96 -2.35 -14.28 -3.14
CA SER A 96 -2.70 -14.19 -4.54
CA SER A 96 -2.71 -14.20 -4.55
C SER A 96 -4.18 -13.85 -4.67
N LEU A 97 -4.54 -13.30 -5.82
CA LEU A 97 -5.94 -12.98 -6.07
C LEU A 97 -6.71 -14.25 -6.44
N GLN A 98 -8.00 -14.26 -6.10
CA GLN A 98 -8.93 -15.23 -6.67
C GLN A 98 -10.01 -14.49 -7.45
N THR A 99 -10.52 -15.14 -8.48
CA THR A 99 -11.51 -14.58 -9.38
C THR A 99 -12.64 -15.57 -9.58
N PHE A 100 -13.85 -15.06 -9.73
CA PHE A 100 -15.02 -15.90 -9.98
C PHE A 100 -16.08 -15.02 -10.62
N LYS A 101 -17.08 -15.66 -11.22
CA LYS A 101 -18.20 -14.94 -11.83
C LYS A 101 -19.49 -15.46 -11.23
N THR A 102 -20.36 -14.54 -10.81
CA THR A 102 -21.67 -14.93 -10.29
C THR A 102 -22.51 -15.56 -11.40
N LEU A 103 -23.45 -16.41 -10.99
CA LEU A 103 -24.35 -17.03 -11.94
C LEU A 103 -25.28 -15.97 -12.55
N ALA A 104 -25.83 -16.31 -13.72
CA ALA A 104 -26.88 -15.47 -14.27
C ALA A 104 -28.19 -15.63 -13.51
N LEU A 105 -28.48 -16.83 -13.01
CA LEU A 105 -29.73 -17.08 -12.30
C LEU A 105 -29.46 -18.01 -11.12
N SER B 1 -10.76 -9.10 -21.71
CA SER B 1 -10.79 -9.31 -20.23
C SER B 1 -11.52 -8.18 -19.53
N VAL B 2 -12.19 -8.52 -18.43
CA VAL B 2 -12.92 -7.53 -17.63
C VAL B 2 -11.96 -6.61 -16.88
N SER B 3 -10.85 -7.15 -16.40
CA SER B 3 -9.99 -6.38 -15.53
C SER B 3 -9.26 -5.30 -16.31
N PRO B 4 -9.16 -4.07 -15.78
CA PRO B 4 -8.40 -3.04 -16.49
C PRO B 4 -6.89 -3.23 -16.41
N VAL B 5 -6.40 -4.01 -15.46
CA VAL B 5 -4.97 -4.17 -15.24
C VAL B 5 -4.64 -5.65 -15.18
N GLU B 6 -3.69 -6.09 -16.00
CA GLU B 6 -3.19 -7.46 -16.00
C GLU B 6 -1.67 -7.42 -15.92
N ILE B 7 -1.11 -8.27 -15.06
CA ILE B 7 0.33 -8.32 -14.82
C ILE B 7 0.76 -9.77 -14.77
N ALA B 8 1.82 -10.09 -15.52
CA ALA B 8 2.44 -11.40 -15.51
C ALA B 8 3.85 -11.28 -14.92
N ILE B 9 4.30 -12.36 -14.30
CA ILE B 9 5.64 -12.41 -13.72
C ILE B 9 6.35 -13.64 -14.27
N ASN B 10 7.65 -13.51 -14.51
CA ASN B 10 8.44 -14.59 -15.06
C ASN B 10 9.34 -15.20 -13.98
N PRO B 11 9.71 -16.47 -14.11
CA PRO B 11 10.71 -17.04 -13.21
C PRO B 11 12.05 -16.31 -13.35
N ALA B 12 12.75 -16.20 -12.23
CA ALA B 12 14.10 -15.66 -12.25
C ALA B 12 14.99 -16.52 -13.13
N SER B 13 15.94 -15.88 -13.80
CA SER B 13 16.95 -16.55 -14.62
C SER B 13 18.33 -15.98 -14.33
N GLU B 14 19.36 -16.58 -14.94
CA GLU B 14 20.74 -16.11 -14.76
C GLU B 14 21.08 -15.99 -13.27
N ILE B 15 20.65 -16.97 -12.48
CA ILE B 15 20.88 -16.91 -11.05
C ILE B 15 22.33 -17.27 -10.77
N THR B 16 23.04 -16.39 -10.05
CA THR B 16 24.40 -16.64 -9.59
C THR B 16 24.40 -16.62 -8.06
N ALA B 17 25.57 -16.65 -7.46
CA ALA B 17 25.66 -16.54 -6.01
C ALA B 17 25.22 -15.16 -5.50
N THR B 18 25.28 -14.13 -6.35
CA THR B 18 25.04 -12.78 -5.87
C THR B 18 24.17 -11.95 -6.81
N SER B 19 23.55 -12.55 -7.82
CA SER B 19 22.73 -11.81 -8.76
C SER B 19 21.69 -12.72 -9.40
N ALA B 20 20.73 -12.07 -10.06
CA ALA B 20 19.70 -12.75 -10.80
C ALA B 20 19.05 -11.78 -11.78
N PHE B 21 18.47 -12.33 -12.83
CA PHE B 21 17.71 -11.55 -13.81
C PHE B 21 16.23 -11.80 -13.56
N ILE B 22 15.50 -10.73 -13.23
CA ILE B 22 14.10 -10.84 -12.86
C ILE B 22 13.29 -9.96 -13.81
N SER B 23 12.06 -10.39 -14.10
CA SER B 23 11.30 -9.72 -15.14
C SER B 23 9.82 -10.06 -15.05
N GLY B 24 9.02 -9.23 -15.70
CA GLY B 24 7.60 -9.47 -15.85
C GLY B 24 7.04 -8.56 -16.92
N THR B 25 5.72 -8.55 -17.04
CA THR B 25 5.04 -7.80 -18.10
C THR B 25 3.71 -7.30 -17.57
N VAL B 26 3.44 -6.01 -17.81
CA VAL B 26 2.11 -5.44 -17.64
C VAL B 26 1.44 -5.59 -19.00
N THR B 27 0.63 -6.64 -19.14
CA THR B 27 0.00 -6.93 -20.42
C THR B 27 -1.16 -6.00 -20.74
N LYS B 28 -1.77 -5.39 -19.73
CA LYS B 28 -2.93 -4.53 -19.95
C LYS B 28 -2.95 -3.47 -18.87
N PHE B 29 -3.20 -2.23 -19.27
CA PHE B 29 -3.44 -1.14 -18.32
C PHE B 29 -4.39 -0.14 -18.99
N GLU B 30 -5.67 -0.18 -18.60
CA GLU B 30 -6.69 0.68 -19.20
C GLU B 30 -7.17 1.68 -18.16
N GLN B 31 -6.79 2.95 -18.31
CA GLN B 31 -7.22 3.98 -17.37
C GLN B 31 -6.95 5.34 -17.97
N SER B 32 -7.86 6.28 -17.72
CA SER B 32 -7.64 7.69 -18.05
C SER B 32 -8.58 8.55 -17.24
N LYS B 33 -8.08 9.70 -16.78
CA LYS B 33 -8.93 10.74 -16.23
C LYS B 33 -9.50 11.64 -17.32
N GLY B 34 -9.05 11.47 -18.58
CA GLY B 34 -9.56 12.21 -19.71
C GLY B 34 -9.91 11.27 -20.85
N PHE B 35 -9.60 11.70 -22.08
CA PHE B 35 -9.91 10.94 -23.28
C PHE B 35 -8.73 10.17 -23.85
N TYR B 36 -7.54 10.28 -23.26
CA TYR B 36 -6.36 9.61 -23.77
C TYR B 36 -5.70 8.79 -22.67
N GLY B 37 -5.23 7.59 -23.03
CA GLY B 37 -4.67 6.67 -22.07
C GLY B 37 -3.54 7.25 -21.25
N SER B 38 -3.62 7.05 -19.93
CA SER B 38 -2.63 7.61 -19.03
C SER B 38 -1.49 6.62 -18.81
N GLY B 39 -0.35 7.15 -18.39
CA GLY B 39 0.75 6.31 -18.03
C GLY B 39 0.60 5.76 -16.62
N CYS B 40 1.52 4.87 -16.27
CA CYS B 40 1.59 4.35 -14.92
C CYS B 40 3.05 4.11 -14.56
N ASN B 41 3.28 3.97 -13.26
CA ASN B 41 4.56 3.46 -12.78
C ASN B 41 4.52 1.94 -12.81
N ILE B 42 5.54 1.33 -13.37
CA ILE B 42 5.79 -0.10 -13.27
C ILE B 42 7.08 -0.28 -12.49
N SER B 43 7.03 -1.08 -11.43
CA SER B 43 8.23 -1.35 -10.63
C SER B 43 8.41 -2.85 -10.45
N LEU B 44 9.66 -3.26 -10.35
CA LEU B 44 10.04 -4.63 -10.03
C LEU B 44 10.67 -4.52 -8.66
N LEU B 45 10.07 -5.22 -7.69
CA LEU B 45 10.44 -5.12 -6.29
C LEU B 45 10.87 -6.49 -5.81
N TYR B 46 11.85 -6.52 -4.90
CA TYR B 46 12.37 -7.80 -4.44
C TYR B 46 12.78 -7.67 -2.97
N TRP B 47 12.93 -8.83 -2.33
CA TRP B 47 13.25 -8.88 -0.91
C TRP B 47 13.80 -10.26 -0.61
N GLU B 48 14.56 -10.32 0.49
CA GLU B 48 14.90 -11.60 1.09
C GLU B 48 13.63 -12.22 1.62
N ALA B 49 13.39 -13.48 1.28
CA ALA B 49 12.16 -14.13 1.73
C ALA B 49 12.01 -14.08 3.25
N SER B 50 13.11 -14.16 3.98
CA SER B 50 13.04 -14.15 5.43
C SER B 50 12.70 -12.78 6.00
N ASN B 51 12.81 -11.70 5.20
CA ASN B 51 12.57 -10.34 5.69
C ASN B 51 11.71 -9.62 4.67
N PRO B 52 10.43 -9.98 4.57
CA PRO B 52 9.60 -9.51 3.46
C PRO B 52 9.13 -8.08 3.56
N MET B 53 9.36 -7.38 4.68
CA MET B 53 9.07 -5.94 4.67
C MET B 53 10.20 -5.12 4.09
N HIS B 54 11.42 -5.65 4.01
CA HIS B 54 12.55 -4.90 3.48
C HIS B 54 12.56 -5.05 1.96
N VAL B 55 11.63 -4.31 1.35
CA VAL B 55 11.32 -4.41 -0.08
C VAL B 55 12.18 -3.38 -0.81
N LYS B 56 12.97 -3.84 -1.79
CA LYS B 56 13.88 -3.01 -2.55
CA LYS B 56 13.87 -3.01 -2.55
C LYS B 56 13.40 -2.86 -3.99
N VAL B 57 13.85 -1.79 -4.65
CA VAL B 57 13.43 -1.46 -6.01
C VAL B 57 14.52 -1.91 -6.97
N ALA B 58 14.22 -2.91 -7.80
CA ALA B 58 15.14 -3.33 -8.84
C ALA B 58 15.07 -2.42 -10.06
N SER B 59 13.86 -1.98 -10.43
CA SER B 59 13.63 -1.10 -11.55
C SER B 59 12.32 -0.39 -11.33
N SER B 60 12.26 0.89 -11.73
CA SER B 60 11.04 1.68 -11.69
C SER B 60 10.98 2.52 -12.96
N ILE B 61 9.92 2.34 -13.75
CA ILE B 61 9.79 2.98 -15.04
C ILE B 61 8.38 3.53 -15.19
N SER B 62 8.21 4.45 -16.12
CA SER B 62 6.93 5.03 -16.48
C SER B 62 6.59 4.62 -17.90
N LYS B 63 5.41 4.03 -18.11
CA LYS B 63 5.01 3.59 -19.44
C LYS B 63 3.55 3.94 -19.69
N LYS B 64 3.22 4.15 -20.97
CA LYS B 64 1.84 4.33 -21.37
C LYS B 64 1.44 3.46 -22.56
N ASP B 65 2.32 2.59 -23.03
CA ASP B 65 2.04 1.68 -24.13
C ASP B 65 2.18 0.27 -23.61
N PHE B 66 1.18 -0.57 -23.88
CA PHE B 66 1.10 -1.91 -23.32
C PHE B 66 0.80 -2.91 -24.43
N PRO B 67 1.28 -4.15 -24.30
CA PRO B 67 2.03 -4.69 -23.15
C PRO B 67 3.41 -4.05 -22.95
N ALA B 68 3.81 -3.93 -21.68
CA ALA B 68 5.04 -3.27 -21.28
C ALA B 68 5.86 -4.24 -20.46
N ASP B 69 7.06 -4.56 -20.92
CA ASP B 69 7.96 -5.43 -20.18
C ASP B 69 8.80 -4.62 -19.22
N ILE B 70 9.21 -5.26 -18.14
CA ILE B 70 10.15 -4.68 -17.18
C ILE B 70 11.10 -5.77 -16.75
N SER B 71 12.38 -5.44 -16.62
CA SER B 71 13.38 -6.42 -16.23
C SER B 71 14.55 -5.72 -15.57
N ALA B 72 15.32 -6.50 -14.84
CA ALA B 72 16.50 -5.96 -14.18
C ALA B 72 17.39 -7.10 -13.77
N THR B 73 18.69 -6.85 -13.75
CA THR B 73 19.63 -7.72 -13.07
C THR B 73 19.84 -7.15 -11.67
N ILE B 74 19.45 -7.87 -10.67
CA ILE B 74 19.67 -7.47 -9.29
C ILE B 74 21.01 -8.05 -8.85
N LYS B 75 21.83 -7.23 -8.19
CA LYS B 75 23.19 -7.62 -7.82
C LYS B 75 23.38 -7.40 -6.33
N ASP B 76 24.57 -7.79 -5.86
CA ASP B 76 24.93 -7.69 -4.46
C ASP B 76 23.96 -8.47 -3.56
N LEU B 77 23.41 -9.55 -4.09
CA LEU B 77 22.65 -10.49 -3.28
C LEU B 77 23.60 -11.32 -2.42
N LYS B 78 23.02 -11.98 -1.42
CA LYS B 78 23.76 -12.89 -0.54
C LYS B 78 23.73 -14.31 -1.09
N PRO B 79 24.86 -15.04 -1.06
CA PRO B 79 24.84 -16.42 -1.56
C PRO B 79 23.92 -17.31 -0.74
N HIS B 80 23.44 -18.38 -1.39
CA HIS B 80 22.55 -19.39 -0.84
C HIS B 80 21.46 -18.78 0.06
N THR B 81 20.76 -17.78 -0.50
CA THR B 81 19.69 -17.07 0.19
C THR B 81 18.44 -17.06 -0.67
N THR B 82 17.28 -17.24 -0.04
CA THR B 82 16.02 -17.26 -0.78
C THR B 82 15.48 -15.84 -0.91
N TYR B 83 15.06 -15.50 -2.13
CA TYR B 83 14.52 -14.18 -2.47
C TYR B 83 13.16 -14.39 -3.11
N GLN B 84 12.36 -13.34 -3.06
CA GLN B 84 11.12 -13.26 -3.82
C GLN B 84 11.05 -11.91 -4.49
N PHE B 85 10.22 -11.84 -5.52
CA PHE B 85 10.03 -10.60 -6.23
C PHE B 85 8.64 -10.57 -6.84
N LYS B 86 8.23 -9.37 -7.23
CA LYS B 86 6.97 -9.16 -7.90
C LYS B 86 7.07 -7.91 -8.76
N VAL B 87 6.10 -7.78 -9.67
CA VAL B 87 5.90 -6.56 -10.46
C VAL B 87 4.70 -5.82 -9.90
N THR B 88 4.83 -4.51 -9.74
CA THR B 88 3.76 -3.68 -9.26
C THR B 88 3.45 -2.57 -10.26
N VAL B 89 2.18 -2.14 -10.26
CA VAL B 89 1.73 -1.00 -11.04
C VAL B 89 1.19 0.01 -10.05
N ASN B 90 1.72 1.24 -10.11
CA ASN B 90 1.34 2.35 -9.25
C ASN B 90 1.42 2.00 -7.77
N PHE B 91 2.30 1.06 -7.42
CA PHE B 91 2.47 0.61 -6.04
C PHE B 91 1.14 0.21 -5.42
N TYR B 92 0.19 -0.20 -6.25
CA TYR B 92 -1.14 -0.64 -5.83
C TYR B 92 -1.46 -2.05 -6.31
N PHE B 93 -1.35 -2.29 -7.63
CA PHE B 93 -1.55 -3.61 -8.20
C PHE B 93 -0.26 -4.40 -8.11
N SER B 94 -0.39 -5.71 -7.84
CA SER B 94 0.75 -6.61 -7.74
C SER B 94 0.53 -7.86 -8.56
N SER B 95 1.60 -8.32 -9.23
CA SER B 95 1.61 -9.67 -9.76
C SER B 95 1.66 -10.68 -8.61
N SER B 96 1.46 -11.95 -8.94
CA SER B 96 1.80 -13.00 -8.00
CA SER B 96 1.80 -13.00 -8.00
C SER B 96 3.30 -12.95 -7.72
N LEU B 97 3.69 -13.59 -6.62
CA LEU B 97 5.09 -13.61 -6.23
C LEU B 97 5.84 -14.72 -6.95
N GLN B 98 7.12 -14.48 -7.22
CA GLN B 98 8.05 -15.51 -7.67
C GLN B 98 9.15 -15.66 -6.61
N THR B 99 9.72 -16.86 -6.52
CA THR B 99 10.71 -17.18 -5.50
C THR B 99 11.90 -17.84 -6.17
N PHE B 100 13.10 -17.55 -5.68
CA PHE B 100 14.31 -18.23 -6.16
C PHE B 100 15.35 -18.21 -5.04
N LYS B 101 16.41 -18.99 -5.24
CA LYS B 101 17.49 -19.06 -4.27
C LYS B 101 18.81 -18.81 -4.99
N THR B 102 19.62 -17.90 -4.46
CA THR B 102 20.93 -17.66 -5.06
C THR B 102 21.82 -18.89 -4.89
N LEU B 103 22.83 -18.98 -5.75
CA LEU B 103 23.76 -20.10 -5.71
C LEU B 103 24.68 -19.99 -4.49
N ALA B 104 25.29 -21.12 -4.15
CA ALA B 104 26.21 -21.12 -3.02
C ALA B 104 27.57 -20.53 -3.38
N LEU B 105 27.96 -20.60 -4.64
CA LEU B 105 29.29 -20.21 -5.09
C LEU B 105 29.17 -19.68 -6.50
N SER C 1 10.35 9.19 21.41
CA SER C 1 8.89 9.01 21.63
C SER C 1 8.50 7.54 21.71
N VAL C 2 7.19 7.28 21.71
CA VAL C 2 6.68 5.91 21.75
C VAL C 2 6.65 5.26 20.38
N SER C 3 6.59 6.03 19.30
CA SER C 3 6.51 5.44 17.97
C SER C 3 7.86 4.83 17.57
N PRO C 4 7.89 3.61 17.03
CA PRO C 4 9.18 3.05 16.61
C PRO C 4 9.72 3.61 15.31
N VAL C 5 8.88 4.22 14.48
CA VAL C 5 9.28 4.74 13.19
C VAL C 5 8.78 6.16 13.08
N GLU C 6 9.70 7.08 12.78
CA GLU C 6 9.35 8.48 12.53
C GLU C 6 10.08 8.91 11.27
N ILE C 7 9.39 9.74 10.47
CA ILE C 7 9.89 10.19 9.18
C ILE C 7 9.59 11.67 9.03
N ALA C 8 10.61 12.46 8.74
CA ALA C 8 10.48 13.88 8.46
C ALA C 8 10.57 14.10 6.96
N ILE C 9 9.81 15.07 6.46
CA ILE C 9 9.89 15.50 5.08
C ILE C 9 10.33 16.96 5.07
N ASN C 10 11.22 17.30 4.14
CA ASN C 10 11.77 18.66 4.09
C ASN C 10 11.14 19.45 2.94
N PRO C 11 11.05 20.77 3.09
CA PRO C 11 10.60 21.59 1.96
C PRO C 11 11.55 21.45 0.79
N ALA C 12 10.98 21.43 -0.41
CA ALA C 12 11.81 21.46 -1.59
C ALA C 12 12.63 22.75 -1.64
N SER C 13 13.84 22.63 -2.20
CA SER C 13 14.70 23.79 -2.40
C SER C 13 15.26 23.73 -3.82
N GLU C 14 16.05 24.74 -4.18
CA GLU C 14 16.62 24.82 -5.52
C GLU C 14 15.53 24.62 -6.58
N ILE C 15 14.38 25.23 -6.36
CA ILE C 15 13.24 25.09 -7.28
C ILE C 15 13.50 25.95 -8.50
N THR C 16 13.48 25.33 -9.67
CA THR C 16 13.59 26.04 -10.94
C THR C 16 12.32 25.79 -11.76
N ALA C 17 12.35 26.20 -13.02
CA ALA C 17 11.23 25.91 -13.90
C ALA C 17 11.12 24.42 -14.21
N THR C 18 12.20 23.65 -14.11
CA THR C 18 12.17 22.25 -14.52
C THR C 18 12.86 21.31 -13.53
N SER C 19 13.21 21.76 -12.33
CA SER C 19 13.89 20.88 -11.39
C SER C 19 13.67 21.36 -9.96
N ALA C 20 14.04 20.50 -9.01
CA ALA C 20 14.01 20.83 -7.60
C ALA C 20 14.86 19.81 -6.84
N PHE C 21 15.30 20.21 -5.66
CA PHE C 21 16.00 19.35 -4.74
C PHE C 21 15.03 18.94 -3.64
N ILE C 22 14.74 17.66 -3.55
CA ILE C 22 13.76 17.15 -2.60
C ILE C 22 14.45 16.16 -1.67
N SER C 23 13.96 16.10 -0.42
CA SER C 23 14.66 15.32 0.60
C SER C 23 13.78 15.08 1.81
N GLY C 24 14.16 14.07 2.58
CA GLY C 24 13.55 13.76 3.85
C GLY C 24 14.47 12.90 4.68
N THR C 25 14.00 12.48 5.84
CA THR C 25 14.83 11.75 6.77
C THR C 25 13.98 10.76 7.56
N VAL C 26 14.47 9.52 7.63
CA VAL C 26 13.93 8.56 8.58
C VAL C 26 14.63 8.84 9.91
N THR C 27 13.93 9.54 10.80
CA THR C 27 14.55 10.02 12.03
C THR C 27 14.56 8.97 13.12
N LYS C 28 13.71 7.94 13.01
CA LYS C 28 13.66 6.85 13.97
C LYS C 28 13.25 5.59 13.23
N PHE C 29 13.98 4.50 13.44
CA PHE C 29 13.58 3.17 12.95
C PHE C 29 14.13 2.14 13.93
N GLU C 30 13.30 1.78 14.90
CA GLU C 30 13.72 0.89 15.97
C GLU C 30 13.85 -0.54 15.45
N GLN C 31 14.96 -1.18 15.79
CA GLN C 31 15.26 -2.53 15.29
C GLN C 31 15.46 -3.49 16.46
N GLY C 37 21.80 -6.20 12.22
CA GLY C 37 20.88 -5.13 11.89
C GLY C 37 20.58 -5.07 10.40
N SER C 38 19.33 -5.42 10.04
CA SER C 38 18.97 -5.45 8.63
C SER C 38 18.77 -4.05 8.07
N GLY C 39 18.21 -3.15 8.86
CA GLY C 39 17.83 -1.85 8.33
C GLY C 39 16.48 -1.91 7.64
N CYS C 40 16.30 -0.99 6.70
CA CYS C 40 15.01 -0.86 6.03
C CYS C 40 15.24 -0.21 4.68
N ASN C 41 14.25 -0.36 3.80
CA ASN C 41 14.23 0.41 2.56
C ASN C 41 13.66 1.79 2.81
N ILE C 42 14.32 2.80 2.24
CA ILE C 42 13.86 4.18 2.26
C ILE C 42 13.69 4.60 0.81
N SER C 43 12.49 5.06 0.45
CA SER C 43 12.21 5.51 -0.90
C SER C 43 11.67 6.93 -0.89
N LEU C 44 12.15 7.73 -1.83
CA LEU C 44 11.75 9.11 -2.00
C LEU C 44 10.95 9.15 -3.29
N LEU C 45 9.67 9.45 -3.17
CA LEU C 45 8.70 9.32 -4.25
C LEU C 45 8.10 10.69 -4.54
N TYR C 46 7.81 10.94 -5.82
CA TYR C 46 7.22 12.21 -6.22
C TYR C 46 6.25 12.00 -7.38
N TRP C 47 5.37 12.98 -7.57
CA TRP C 47 4.36 12.92 -8.61
C TRP C 47 3.89 14.34 -8.93
N GLU C 48 3.35 14.51 -10.14
CA GLU C 48 2.55 15.70 -10.42
C GLU C 48 1.33 15.66 -9.51
N ALA C 49 1.08 16.77 -8.80
CA ALA C 49 -0.03 16.79 -7.84
C ALA C 49 -1.36 16.45 -8.50
N SER C 50 -1.54 16.81 -9.77
CA SER C 50 -2.78 16.50 -10.46
CA SER C 50 -2.78 16.49 -10.47
C SER C 50 -2.92 15.01 -10.76
N ASN C 51 -1.84 14.25 -10.72
CA ASN C 51 -1.83 12.84 -11.11
C ASN C 51 -1.14 12.00 -10.05
N PRO C 52 -1.77 11.87 -8.87
CA PRO C 52 -1.13 11.19 -7.74
C PRO C 52 -1.02 9.69 -7.89
N MET C 53 -1.61 9.10 -8.93
CA MET C 53 -1.41 7.69 -9.23
C MET C 53 -0.37 7.46 -10.31
N HIS C 54 0.45 8.45 -10.61
CA HIS C 54 1.61 8.22 -11.45
C HIS C 54 2.85 8.70 -10.69
N VAL C 55 3.37 7.83 -9.87
CA VAL C 55 4.48 8.14 -8.97
C VAL C 55 5.79 7.85 -9.68
N LYS C 56 6.83 8.58 -9.28
CA LYS C 56 8.17 8.33 -9.77
C LYS C 56 9.09 8.17 -8.57
N VAL C 57 10.09 7.31 -8.72
CA VAL C 57 11.04 7.03 -7.64
C VAL C 57 12.25 7.92 -7.89
N ALA C 58 12.47 8.90 -7.01
CA ALA C 58 13.63 9.76 -7.13
C ALA C 58 14.88 9.09 -6.54
N SER C 59 14.72 8.32 -5.48
CA SER C 59 15.82 7.62 -4.84
C SER C 59 15.23 6.47 -4.04
N SER C 60 15.97 5.38 -3.96
CA SER C 60 15.57 4.23 -3.16
C SER C 60 16.85 3.59 -2.65
N ILE C 61 16.98 3.52 -1.34
CA ILE C 61 18.20 3.05 -0.69
C ILE C 61 17.82 2.18 0.50
N SER C 62 18.79 1.39 0.97
CA SER C 62 18.67 0.67 2.23
C SER C 62 19.67 1.27 3.21
N LYS C 63 19.20 1.54 4.42
CA LYS C 63 20.07 2.02 5.48
C LYS C 63 19.72 1.28 6.73
N LYS C 64 20.74 1.25 7.60
CA LYS C 64 20.53 0.66 8.94
C LYS C 64 20.99 1.45 10.13
N ASP C 65 21.40 2.68 9.94
CA ASP C 65 21.73 3.56 11.04
C ASP C 65 20.89 4.82 10.91
N PHE C 66 20.33 5.29 12.02
CA PHE C 66 19.35 6.36 11.96
C PHE C 66 19.67 7.46 12.96
N PRO C 67 19.27 8.70 12.66
CA PRO C 67 18.55 9.12 11.46
C PRO C 67 19.32 8.95 10.16
N ALA C 68 18.54 8.70 9.10
CA ALA C 68 19.08 8.39 7.78
C ALA C 68 18.38 9.29 6.76
N ASP C 69 19.16 10.07 6.03
CA ASP C 69 18.57 10.98 5.06
C ASP C 69 18.43 10.32 3.69
N ILE C 70 17.59 10.92 2.85
CA ILE C 70 17.45 10.55 1.45
C ILE C 70 17.15 11.83 0.69
N SER C 71 17.72 11.95 -0.51
CA SER C 71 17.59 13.19 -1.25
C SER C 71 17.88 12.95 -2.71
N ALA C 72 17.41 13.90 -3.53
CA ALA C 72 17.65 13.82 -4.96
C ALA C 72 17.31 15.15 -5.61
N THR C 73 18.00 15.47 -6.69
CA THR C 73 17.53 16.49 -7.61
C THR C 73 16.66 15.81 -8.64
N ILE C 74 15.41 16.21 -8.73
CA ILE C 74 14.50 15.72 -9.75
C ILE C 74 14.46 16.76 -10.88
N LYS C 75 14.50 16.26 -12.11
CA LYS C 75 14.63 17.11 -13.29
C LYS C 75 13.56 16.73 -14.32
N ASP C 76 13.57 17.44 -15.43
CA ASP C 76 12.58 17.25 -16.50
C ASP C 76 11.16 17.48 -15.98
N LEU C 77 11.01 18.42 -15.03
CA LEU C 77 9.69 18.80 -14.56
C LEU C 77 9.08 19.82 -15.50
N LYS C 78 7.76 19.92 -15.47
CA LYS C 78 7.04 20.92 -16.24
C LYS C 78 7.10 22.26 -15.52
N PRO C 79 7.18 23.37 -16.25
CA PRO C 79 7.11 24.70 -15.60
C PRO C 79 5.74 24.99 -15.03
N HIS C 80 5.73 25.91 -14.04
CA HIS C 80 4.53 26.35 -13.32
C HIS C 80 3.57 25.20 -13.03
N THR C 81 4.13 24.13 -12.45
CA THR C 81 3.36 22.93 -12.16
C THR C 81 3.63 22.48 -10.73
N THR C 82 2.59 22.01 -10.06
CA THR C 82 2.67 21.58 -8.68
C THR C 82 3.03 20.10 -8.59
N TYR C 83 3.99 19.79 -7.73
CA TYR C 83 4.45 18.44 -7.46
C TYR C 83 4.31 18.19 -5.97
N GLN C 84 4.16 16.92 -5.61
CA GLN C 84 4.23 16.52 -4.22
C GLN C 84 5.22 15.37 -4.10
N PHE C 85 5.70 15.15 -2.88
CA PHE C 85 6.64 14.07 -2.63
C PHE C 85 6.50 13.63 -1.19
N LYS C 86 7.01 12.43 -0.93
CA LYS C 86 7.05 11.86 0.41
C LYS C 86 8.19 10.87 0.48
N VAL C 87 8.53 10.51 1.71
CA VAL C 87 9.48 9.44 2.01
C VAL C 87 8.67 8.29 2.59
N THR C 88 8.94 7.08 2.11
CA THR C 88 8.30 5.89 2.63
C THR C 88 9.37 4.92 3.14
N VAL C 89 9.03 4.18 4.18
CA VAL C 89 9.88 3.13 4.74
C VAL C 89 9.18 1.80 4.50
N ASN C 90 9.87 0.90 3.81
CA ASN C 90 9.41 -0.46 3.57
C ASN C 90 8.07 -0.49 2.85
N PHE C 91 7.77 0.57 2.11
CA PHE C 91 6.51 0.70 1.39
C PHE C 91 5.31 0.51 2.34
N TYR C 92 5.52 0.82 3.61
CA TYR C 92 4.47 0.74 4.61
C TYR C 92 4.25 2.07 5.31
N PHE C 93 5.30 2.65 5.88
CA PHE C 93 5.21 3.91 6.58
C PHE C 93 5.43 5.04 5.59
N SER C 94 4.76 6.17 5.83
CA SER C 94 4.91 7.31 4.95
C SER C 94 5.08 8.57 5.81
N SER C 95 5.94 9.47 5.34
CA SER C 95 5.94 10.82 5.88
C SER C 95 4.66 11.53 5.48
N SER C 96 4.43 12.70 6.08
CA SER C 96 3.49 13.64 5.53
C SER C 96 3.90 14.02 4.11
N LEU C 97 2.96 14.53 3.35
CA LEU C 97 3.26 15.00 2.01
C LEU C 97 3.84 16.41 2.05
N GLN C 98 4.77 16.68 1.14
CA GLN C 98 5.27 18.03 0.92
C GLN C 98 4.89 18.44 -0.50
N THR C 99 4.59 19.72 -0.69
CA THR C 99 4.17 20.25 -1.99
C THR C 99 5.05 21.42 -2.40
N PHE C 100 5.33 21.52 -3.69
CA PHE C 100 5.98 22.68 -4.27
C PHE C 100 5.47 22.88 -5.69
N LYS C 101 5.75 24.06 -6.23
CA LYS C 101 5.36 24.40 -7.59
C LYS C 101 6.58 24.93 -8.32
N THR C 102 6.80 24.44 -9.52
CA THR C 102 7.96 24.90 -10.29
C THR C 102 7.75 26.35 -10.74
N LEU C 103 8.86 27.01 -11.03
CA LEU C 103 8.81 28.36 -11.54
C LEU C 103 8.24 28.38 -12.96
N ALA C 104 7.80 29.56 -13.37
CA ALA C 104 7.48 29.80 -14.77
C ALA C 104 8.77 29.92 -15.59
N LEU C 105 8.68 29.61 -16.87
CA LEU C 105 9.85 29.77 -17.74
C LEU C 105 10.14 31.25 -17.96
N SER D 1 -7.16 22.62 -3.66
CA SER D 1 -5.81 22.38 -4.20
C SER D 1 -5.92 21.83 -5.61
N VAL D 2 -4.79 21.73 -6.30
CA VAL D 2 -4.78 21.11 -7.62
C VAL D 2 -4.88 19.60 -7.58
N SER D 3 -4.84 18.99 -6.39
CA SER D 3 -4.92 17.52 -6.26
C SER D 3 -6.35 17.06 -6.43
N PRO D 4 -6.58 15.89 -7.06
CA PRO D 4 -7.96 15.38 -7.18
C PRO D 4 -8.51 14.81 -5.89
N VAL D 5 -7.66 14.48 -4.93
CA VAL D 5 -8.07 13.86 -3.68
C VAL D 5 -7.51 14.69 -2.52
N GLU D 6 -8.38 15.10 -1.60
CA GLU D 6 -8.01 15.86 -0.42
C GLU D 6 -8.65 15.17 0.77
N ILE D 7 -7.89 14.97 1.84
CA ILE D 7 -8.37 14.27 3.02
C ILE D 7 -7.93 15.05 4.26
N ALA D 8 -8.89 15.40 5.11
CA ALA D 8 -8.63 16.06 6.38
C ALA D 8 -8.81 15.07 7.54
N ILE D 9 -8.02 15.27 8.58
CA ILE D 9 -8.10 14.47 9.79
C ILE D 9 -8.36 15.43 10.95
N ASN D 10 -9.23 15.03 11.86
CA ASN D 10 -9.60 15.87 12.99
C ASN D 10 -8.91 15.40 14.26
N PRO D 11 -8.66 16.30 15.22
CA PRO D 11 -8.18 15.86 16.53
C PRO D 11 -9.18 14.94 17.22
N ALA D 12 -8.65 13.96 17.95
CA ALA D 12 -9.50 13.08 18.75
C ALA D 12 -10.22 13.91 19.81
N SER D 13 -11.46 13.53 20.11
CA SER D 13 -12.25 14.17 21.15
C SER D 13 -12.91 13.10 22.00
N GLU D 14 -13.56 13.51 23.09
CA GLU D 14 -14.18 12.58 24.01
C GLU D 14 -13.19 11.52 24.49
N ILE D 15 -11.97 11.96 24.78
CA ILE D 15 -10.89 11.07 25.18
C ILE D 15 -11.08 10.66 26.63
N THR D 16 -11.28 9.37 26.87
CA THR D 16 -11.35 8.80 28.20
C THR D 16 -10.14 7.89 28.42
N ALA D 17 -10.16 7.16 29.53
CA ALA D 17 -9.10 6.19 29.79
C ALA D 17 -9.13 5.05 28.78
N THR D 18 -10.30 4.76 28.19
CA THR D 18 -10.44 3.56 27.37
C THR D 18 -11.18 3.79 26.06
N SER D 19 -11.41 5.03 25.65
CA SER D 19 -12.17 5.29 24.44
C SER D 19 -11.87 6.69 23.92
N ALA D 20 -12.25 6.91 22.66
CA ALA D 20 -12.11 8.23 22.05
C ALA D 20 -13.02 8.30 20.82
N PHE D 21 -13.34 9.53 20.43
CA PHE D 21 -14.09 9.79 19.21
C PHE D 21 -13.12 10.32 18.15
N ILE D 22 -12.94 9.55 17.08
CA ILE D 22 -12.00 9.89 16.02
C ILE D 22 -12.76 10.08 14.71
N SER D 23 -12.25 10.97 13.87
CA SER D 23 -13.00 11.34 12.66
C SER D 23 -12.10 12.06 11.67
N GLY D 24 -12.57 12.08 10.42
CA GLY D 24 -11.92 12.82 9.35
C GLY D 24 -12.93 13.03 8.23
N THR D 25 -12.44 13.65 7.15
CA THR D 25 -13.29 13.99 6.01
C THR D 25 -12.50 13.81 4.73
N VAL D 26 -13.10 13.10 3.77
CA VAL D 26 -12.63 13.13 2.39
C VAL D 26 -13.26 14.37 1.77
N THR D 27 -12.51 15.47 1.76
CA THR D 27 -13.07 16.74 1.33
C THR D 27 -13.29 16.78 -0.18
N LYS D 28 -12.49 16.03 -0.93
CA LYS D 28 -12.48 16.11 -2.38
C LYS D 28 -12.08 14.76 -2.94
N PHE D 29 -12.84 14.29 -3.90
CA PHE D 29 -12.50 13.08 -4.67
C PHE D 29 -13.09 13.33 -6.06
N GLU D 30 -12.30 13.94 -6.92
CA GLU D 30 -12.82 14.45 -8.19
C GLU D 30 -13.06 13.31 -9.17
N GLN D 31 -14.27 13.27 -9.74
CA GLN D 31 -14.71 12.12 -10.52
C GLN D 31 -14.20 12.19 -11.96
N SER D 32 -13.71 11.05 -12.45
CA SER D 32 -13.47 10.81 -13.85
C SER D 32 -13.69 9.31 -14.10
N LYS D 33 -14.00 8.97 -15.35
CA LYS D 33 -14.28 7.59 -15.67
C LYS D 33 -13.08 6.70 -15.35
N GLY D 34 -13.36 5.56 -14.72
CA GLY D 34 -12.32 4.61 -14.37
C GLY D 34 -11.99 4.58 -12.90
N PHE D 35 -10.70 4.75 -12.57
CA PHE D 35 -10.25 4.64 -11.19
C PHE D 35 -10.96 5.63 -10.27
N TYR D 36 -11.36 6.78 -10.79
CA TYR D 36 -12.05 7.80 -10.00
C TYR D 36 -13.54 7.88 -10.35
N GLY D 37 -14.12 6.81 -10.89
CA GLY D 37 -15.46 6.88 -11.44
C GLY D 37 -16.57 6.28 -10.61
N SER D 38 -16.27 5.73 -9.43
CA SER D 38 -17.28 5.05 -8.63
C SER D 38 -17.25 5.48 -7.18
N GLY D 39 -16.71 6.67 -6.89
CA GLY D 39 -16.46 6.98 -5.51
C GLY D 39 -15.36 6.08 -4.97
N CYS D 40 -15.41 5.82 -3.67
CA CYS D 40 -14.24 5.20 -3.06
C CYS D 40 -14.63 4.54 -1.75
N ASN D 41 -13.78 3.61 -1.33
CA ASN D 41 -13.78 3.16 0.04
C ASN D 41 -13.06 4.19 0.90
N ILE D 42 -13.69 4.58 2.01
CA ILE D 42 -13.10 5.43 3.03
C ILE D 42 -12.98 4.57 4.27
N SER D 43 -11.77 4.44 4.81
CA SER D 43 -11.55 3.71 6.04
C SER D 43 -10.88 4.60 7.08
N LEU D 44 -11.27 4.38 8.33
CA LEU D 44 -10.71 5.07 9.48
C LEU D 44 -9.96 4.00 10.24
N LEU D 45 -8.63 4.11 10.28
CA LEU D 45 -7.74 3.12 10.85
C LEU D 45 -7.05 3.69 12.07
N TYR D 46 -6.86 2.85 13.10
CA TYR D 46 -6.15 3.30 14.29
C TYR D 46 -5.23 2.19 14.81
N TRP D 47 -4.27 2.60 15.62
CA TRP D 47 -3.28 1.65 16.15
C TRP D 47 -2.65 2.27 17.40
N GLU D 48 -2.14 1.40 18.27
CA GLU D 48 -1.26 1.86 19.34
C GLU D 48 0.01 2.41 18.72
N ALA D 49 0.42 3.61 19.15
CA ALA D 49 1.58 4.25 18.54
C ALA D 49 2.81 3.36 18.64
N SER D 50 2.93 2.60 19.72
CA SER D 50 4.08 1.71 19.89
C SER D 50 4.05 0.51 18.95
N ASN D 51 2.91 0.20 18.34
CA ASN D 51 2.79 -0.97 17.46
C ASN D 51 2.02 -0.60 16.21
N PRO D 52 2.65 0.14 15.30
CA PRO D 52 1.96 0.54 14.06
C PRO D 52 1.73 -0.61 13.09
N MET D 53 2.21 -1.81 13.41
CA MET D 53 2.04 -2.99 12.57
C MET D 53 0.79 -3.78 12.94
N HIS D 54 -0.02 -3.29 13.87
CA HIS D 54 -1.29 -3.93 14.19
C HIS D 54 -2.38 -2.86 14.13
N VAL D 55 -3.01 -2.75 12.97
CA VAL D 55 -4.04 -1.74 12.76
C VAL D 55 -5.41 -2.32 13.09
N LYS D 56 -6.31 -1.44 13.49
CA LYS D 56 -7.71 -1.77 13.67
C LYS D 56 -8.56 -0.85 12.79
N VAL D 57 -9.63 -1.40 12.24
CA VAL D 57 -10.55 -0.66 11.38
C VAL D 57 -11.69 -0.18 12.26
N ALA D 58 -11.77 1.13 12.45
CA ALA D 58 -12.88 1.70 13.22
C ALA D 58 -14.15 1.80 12.38
N SER D 59 -14.01 2.11 11.10
CA SER D 59 -15.15 2.29 10.21
C SER D 59 -14.64 2.12 8.78
N SER D 60 -15.49 1.58 7.92
CA SER D 60 -15.18 1.43 6.50
C SER D 60 -16.49 1.57 5.73
N ILE D 61 -16.53 2.51 4.78
CA ILE D 61 -17.75 2.84 4.07
C ILE D 61 -17.40 3.13 2.62
N SER D 62 -18.42 3.06 1.76
CA SER D 62 -18.32 3.47 0.36
C SER D 62 -19.10 4.76 0.20
N LYS D 63 -18.50 5.76 -0.44
CA LYS D 63 -19.18 7.01 -0.73
C LYS D 63 -18.84 7.48 -2.14
N LYS D 64 -19.76 8.24 -2.75
CA LYS D 64 -19.56 8.77 -4.09
C LYS D 64 -19.91 10.25 -4.21
N ASP D 65 -20.11 10.93 -3.08
CA ASP D 65 -20.36 12.35 -3.02
C ASP D 65 -19.50 12.94 -1.92
N PHE D 66 -18.95 14.12 -2.17
CA PHE D 66 -17.92 14.72 -1.35
C PHE D 66 -18.23 16.19 -1.15
N PRO D 67 -17.89 16.74 0.03
CA PRO D 67 -17.15 16.10 1.14
C PRO D 67 -17.92 14.99 1.84
N ALA D 68 -17.19 14.00 2.33
CA ALA D 68 -17.77 12.85 3.01
C ALA D 68 -17.04 12.65 4.33
N ASP D 69 -17.79 12.70 5.43
CA ASP D 69 -17.22 12.50 6.75
C ASP D 69 -17.19 11.02 7.09
N ILE D 70 -16.28 10.66 7.99
CA ILE D 70 -16.20 9.31 8.56
C ILE D 70 -15.80 9.48 10.01
N SER D 71 -16.40 8.67 10.89
CA SER D 71 -16.15 8.82 12.32
C SER D 71 -16.51 7.53 13.04
N ALA D 72 -16.01 7.41 14.26
CA ALA D 72 -16.36 6.28 15.11
C ALA D 72 -15.90 6.58 16.54
N THR D 73 -16.61 6.00 17.50
CA THR D 73 -16.10 5.91 18.85
C THR D 73 -15.37 4.58 18.96
N ILE D 74 -14.08 4.64 19.22
CA ILE D 74 -13.27 3.46 19.43
C ILE D 74 -13.19 3.20 20.92
N LYS D 75 -13.32 1.94 21.30
CA LYS D 75 -13.44 1.54 22.70
C LYS D 75 -12.39 0.46 23.01
N ASP D 76 -12.35 0.06 24.28
CA ASP D 76 -11.43 -0.98 24.73
C ASP D 76 -9.97 -0.58 24.54
N LEU D 77 -9.69 0.72 24.63
CA LEU D 77 -8.32 1.18 24.54
C LEU D 77 -7.61 1.02 25.89
N LYS D 78 -6.29 0.91 25.82
CA LYS D 78 -5.48 0.81 27.02
C LYS D 78 -5.34 2.18 27.69
N PRO D 79 -5.51 2.28 29.00
CA PRO D 79 -5.34 3.59 29.65
C PRO D 79 -3.92 4.11 29.53
N HIS D 80 -3.80 5.43 29.51
CA HIS D 80 -2.51 6.11 29.56
C HIS D 80 -1.60 5.63 28.43
N THR D 81 -2.17 5.52 27.23
CA THR D 81 -1.47 4.96 26.08
C THR D 81 -1.68 5.85 24.87
N THR D 82 -0.61 6.03 24.09
CA THR D 82 -0.68 6.85 22.89
C THR D 82 -1.19 6.04 21.70
N TYR D 83 -2.14 6.62 20.97
CA TYR D 83 -2.73 6.03 19.78
C TYR D 83 -2.55 6.98 18.61
N GLN D 84 -2.54 6.42 17.40
CA GLN D 84 -2.56 7.21 16.17
C GLN D 84 -3.68 6.70 15.27
N PHE D 85 -4.12 7.56 14.34
CA PHE D 85 -5.16 7.15 13.41
C PHE D 85 -5.06 8.00 12.15
N LYS D 86 -5.71 7.52 11.10
CA LYS D 86 -5.71 8.20 9.82
C LYS D 86 -6.94 7.76 9.03
N VAL D 87 -7.26 8.55 8.01
CA VAL D 87 -8.28 8.19 7.03
C VAL D 87 -7.59 7.79 5.74
N THR D 88 -7.99 6.65 5.17
CA THR D 88 -7.48 6.21 3.89
C THR D 88 -8.60 6.17 2.87
N VAL D 89 -8.24 6.46 1.62
CA VAL D 89 -9.13 6.38 0.47
C VAL D 89 -8.60 5.29 -0.44
N ASN D 90 -9.45 4.29 -0.70
CA ASN D 90 -9.11 3.13 -1.52
C ASN D 90 -7.82 2.43 -1.07
N PHE D 91 -7.54 2.48 0.23
CA PHE D 91 -6.33 1.88 0.80
C PHE D 91 -5.09 2.31 0.04
N TYR D 92 -5.16 3.50 -0.57
CA TYR D 92 -4.04 4.06 -1.32
C TYR D 92 -3.67 5.45 -0.82
N PHE D 93 -4.62 6.39 -0.82
CA PHE D 93 -4.36 7.72 -0.32
C PHE D 93 -4.55 7.72 1.18
N SER D 94 -3.73 8.52 1.88
CA SER D 94 -3.85 8.64 3.32
C SER D 94 -3.89 10.10 3.73
N SER D 95 -4.67 10.40 4.76
CA SER D 95 -4.54 11.66 5.45
C SER D 95 -3.19 11.70 6.19
N SER D 96 -2.85 12.88 6.68
CA SER D 96 -1.82 12.97 7.70
C SER D 96 -2.23 12.16 8.93
N LEU D 97 -1.25 11.74 9.70
CA LEU D 97 -1.58 11.04 10.93
C LEU D 97 -2.03 12.01 12.02
N GLN D 98 -2.92 11.55 12.89
CA GLN D 98 -3.31 12.26 14.11
C GLN D 98 -2.99 11.38 15.31
N THR D 99 -2.59 12.00 16.41
CA THR D 99 -2.17 11.30 17.61
C THR D 99 -2.95 11.82 18.82
N PHE D 100 -3.23 10.90 19.75
CA PHE D 100 -3.79 11.27 21.04
C PHE D 100 -3.33 10.26 22.09
N LYS D 101 -3.52 10.59 23.36
CA LYS D 101 -3.19 9.70 24.46
C LYS D 101 -4.40 9.54 25.37
N THR D 102 -4.75 8.30 25.68
CA THR D 102 -5.84 8.06 26.61
C THR D 102 -5.46 8.50 28.02
N LEU D 103 -6.48 8.79 28.82
CA LEU D 103 -6.26 9.16 30.20
C LEU D 103 -5.81 7.97 31.03
N ALA D 104 -5.21 8.26 32.19
CA ALA D 104 -4.93 7.22 33.17
C ALA D 104 -6.23 6.80 33.85
N LEU D 105 -6.29 5.52 34.23
CA LEU D 105 -7.55 4.96 34.73
C LEU D 105 -7.72 5.14 36.23
C ACT E . -18.15 -9.35 -15.99
O ACT E . -18.13 -8.72 -14.95
OXT ACT E . -17.67 -10.49 -16.29
CH3 ACT E . -18.91 -8.62 -17.14
H1 ACT E . -19.60 -9.22 -17.50
H2 ACT E . -18.29 -8.40 -17.85
H3 ACT E . -19.32 -7.82 -16.79
OAB PEU F . 1.70 -16.94 -1.34
CAC PEU F . 1.67 -15.55 -1.58
CAD PEU F . 1.50 -14.81 -0.26
OAE PEU F . 2.76 -14.73 0.36
CAF PEU F . 2.69 -14.27 1.70
CAG PEU F . 2.66 -12.74 1.74
OAH PEU F . 3.73 -12.20 0.98
CAI PEU F . 5.02 -12.32 1.55
CAJ PEU F . 5.95 -11.35 0.81
OAK PEU F . 5.55 -10.03 1.08
CAL PEU F . 6.35 -9.06 0.42
CAM PEU F . 5.74 -7.70 0.78
OAN PEU F . 4.62 -7.52 -0.08
CAO PEU F . 3.62 -6.65 0.40
CAP PEU F . 4.17 -5.21 0.33
OAQ PEU F . 4.37 -4.84 -1.03
CAR PEU F . 4.83 -3.50 -1.11
CAS PEU F . 5.29 -3.18 -2.53
OAT PEU F . 4.22 -3.48 -3.40
CAU PEU F . 3.43 -2.37 -3.78
CAV PEU F . 2.09 -2.95 -4.32
OAW PEU F . 1.46 -3.73 -3.31
CAX PEU F . 0.85 -2.94 -2.32
CAY PEU F . 0.26 -3.83 -1.24
OAZ PEU F . -0.79 -4.58 -1.84
CBA PEU F . -1.27 -5.65 -1.03
CBB PEU F . -2.13 -5.10 0.13
OBC PEU F . -3.29 -4.49 -0.42
CCG PEU F . -4.24 -4.11 0.56
CCF PEU F . -5.29 -3.21 -0.09
OCE PEU F . -5.87 -3.88 -1.19
CCD PEU F . -6.74 -3.08 -1.94
CCC PEU F . -7.30 -3.94 -3.07
OCB PEU F . -6.23 -4.35 -3.92
CCA PEU F . -6.66 -4.55 -5.26
CBZ PEU F . -5.38 -4.84 -6.09
OBY PEU F . -5.78 -4.87 -7.45
CBX PEU F . -6.51 -6.02 -7.81
CBW PEU F . -6.47 -6.17 -9.33
OBV PEU F . -5.17 -6.55 -9.67
CBU PEU F . -4.90 -6.64 -11.05
CBT PEU F . -3.53 -7.30 -11.20
OBS PEU F . -3.68 -8.69 -11.19
CBR PEU F . -2.41 -9.36 -11.16
CBQ PEU F . -2.61 -10.86 -10.91
OBP PEU F . -3.23 -11.41 -12.02
HAC1 PEU F . 2.50 -15.27 -2.01
HAC2 PEU F . 0.92 -15.34 -2.17
HAD1 PEU F . 1.16 -13.92 -0.42
HAD2 PEU F . 0.88 -15.30 0.31
HAF1 PEU F . 3.48 -14.59 2.19
HAF2 PEU F . 1.90 -14.62 2.11
HAG1 PEU F . 2.75 -12.45 2.67
HAG2 PEU F . 1.82 -12.44 1.38
HAI1 PEU F . 5.35 -13.23 1.44
HAI2 PEU F . 4.99 -12.09 2.49
HAJ1 PEU F . 6.86 -11.49 1.12
HAJ2 PEU F . 5.91 -11.52 -0.15
HAL1 PEU F . 6.34 -9.20 -0.54
HAL2 PEU F . 7.26 -9.12 0.75
HAM1 PEU F . 6.40 -7.00 0.63
HAM2 PEU F . 5.46 -7.69 1.71
HAO1 PEU F . 2.82 -6.73 -0.15
HAO2 PEU F . 3.41 -6.87 1.33
HAP1 PEU F . 5.01 -5.15 0.80
HAP2 PEU F . 3.52 -4.59 0.72
HAR1 PEU F . 5.57 -3.37 -0.49
HAR2 PEU F . 4.10 -2.91 -0.87
HAS1 PEU F . 5.53 -2.25 -2.60
HAS2 PEU F . 6.06 -3.74 -2.76
HAU1 PEU F . 3.87 -1.86 -4.47
HAU2 PEU F . 3.26 -1.81 -3.01
HAV1 PEU F . 1.50 -2.22 -4.57
HAV2 PEU F . 2.27 -3.50 -5.10
HAX1 PEU F . 0.14 -2.40 -2.72
HAX2 PEU F . 1.50 -2.34 -1.91
HAY1 PEU F . -0.09 -3.30 -0.51
HAY2 PEU F . 0.94 -4.44 -0.90
HBA1 PEU F . -0.51 -6.13 -0.67
HBA2 PEU F . -1.81 -6.25 -1.58
HBB1 PEU F . -1.62 -4.43 0.62
HBB2 PEU F . -2.39 -5.82 0.72
HCG1 PEU F . -4.66 -4.89 0.93
HCG2 PEU F . -3.79 -3.62 1.26
HCF1 PEU F . -5.98 -3.01 0.56
HCF2 PEU F . -4.88 -2.39 -0.40
HCD1 PEU F . -7.46 -2.75 -1.38
HCD2 PEU F . -6.25 -2.32 -2.32
HCC1 PEU F . -7.95 -3.42 -3.58
HCC2 PEU F . -7.74 -4.72 -2.69
HCA1 PEU F . -7.11 -3.76 -5.59
HCA2 PEU F . -7.26 -5.32 -5.30
HBZ1 PEU F . -4.73 -4.13 -5.94
HBZ2 PEU F . -5.00 -5.69 -5.84
HBX1 PEU F . -6.10 -6.80 -7.40
HBX2 PEU F . -7.42 -5.93 -7.52
HBW1 PEU F . -7.09 -6.86 -9.61
HBW2 PEU F . -6.70 -5.33 -9.76
HBU1 PEU F . -5.58 -7.17 -11.49
HBU2 PEU F . -4.89 -5.75 -11.44
HBT1 PEU F . -2.96 -7.03 -10.46
HBT2 PEU F . -3.14 -7.02 -12.04
HBR1 PEU F . -1.96 -9.24 -12.01
HBR2 PEU F . -1.86 -8.98 -10.46
HBQ1 PEU F . -1.75 -11.28 -10.77
HBQ2 PEU F . -3.17 -10.98 -10.12
C ACT G . 17.20 -18.73 3.17
O ACT G . 17.34 -17.51 2.93
OXT ACT G . 17.06 -19.70 2.38
CH3 ACT G . 17.16 -19.04 4.69
H1 ACT G . 18.04 -18.92 5.07
H2 ACT G . 16.88 -19.97 4.82
H3 ACT G . 16.53 -18.45 5.13
C ACT H . -0.53 22.99 -11.14
O ACT H . -0.21 23.90 -10.36
OXT ACT H . -0.01 21.88 -11.31
CH3 ACT H . -1.77 23.26 -12.03
H1 ACT H . -2.21 24.07 -11.74
H2 ACT H . -2.39 22.51 -11.96
H3 ACT H . -1.49 23.36 -12.96
OAB PEU I . 4.23 11.90 10.89
CAC PEU I . 5.45 11.20 10.94
CAD PEU I . 5.34 10.00 9.98
OAE PEU I . 5.11 8.85 10.76
CAF PEU I . 5.55 7.65 10.19
CAG PEU I . 5.23 6.48 11.11
OAH PEU I . 3.94 6.00 10.80
CAI PEU I . 3.38 5.29 11.88
CAJ PEU I . 1.97 4.88 11.47
OAK PEU I . 2.06 3.97 10.40
CAL PEU I . 1.31 4.39 9.27
CAM PEU I . 1.07 3.14 8.40
OAN PEU I . -0.32 2.82 8.47
CAO PEU I . -0.66 1.72 7.63
CAP PEU I . -2.16 1.40 7.82
OAQ PEU I . -2.84 1.81 6.65
CAR PEU I . -2.78 0.90 5.58
CAS PEU I . -3.32 1.62 4.33
OAT PEU I . -2.60 2.82 4.20
CAU PEU I . -2.84 3.56 3.01
CAV PEU I . -2.11 2.88 1.85
OAW PEU I . -0.71 2.88 2.13
CAX PEU I . 0.06 2.19 1.17
CAY PEU I . 1.52 2.19 1.60
OAZ PEU I . 2.00 3.53 1.56
CBA PEU I . 3.42 3.60 1.58
CBB PEU I . 3.95 3.32 0.15
OBC PEU I . 3.61 4.44 -0.62
CCG PEU I . 3.61 4.22 -2.04
CCF PEU I . 3.18 5.54 -2.68
OCE PEU I . 2.13 6.06 -1.90
CCD PEU I . 0.83 5.61 -2.27
CCC PEU I . -0.23 6.62 -1.77
OCB PEU I . 0.04 7.99 -2.14
CCA PEU I . 1.01 8.22 -3.15
CBZ PEU I . 0.68 9.54 -3.89
OBY PEU I . -0.72 9.75 -3.77
CBX PEU I . -1.08 10.49 -2.62
CBW PEU I . -0.97 11.97 -2.94
OBV PEU I . -2.26 12.40 -3.21
CBU PEU I . -2.80 13.18 -2.20
CBT PEU I . -3.14 12.29 -1.01
OBS PEU I . -4.12 12.99 -0.24
CBR PEU I . -3.58 14.11 0.45
CBQ PEU I . -3.82 13.96 1.95
OBP PEU I . -2.92 14.77 2.66
CBO PEU I . -3.32 16.11 2.68
CBN PEU I . -2.51 16.91 3.69
OBM PEU I . -3.18 18.13 3.89
HAC1 PEU I . 5.61 10.87 11.85
HAC2 PEU I . 6.17 11.77 10.67
HAD1 PEU I . 4.61 10.14 9.37
HAD2 PEU I . 6.17 9.90 9.48
HAF1 PEU I . 6.51 7.69 10.04
HAF2 PEU I . 5.10 7.52 9.33
HAG1 PEU I . 5.89 5.78 10.99
HAG2 PEU I . 5.25 6.79 12.04
HAI1 PEU I . 3.34 5.86 12.67
HAI2 PEU I . 3.91 4.51 12.07
HAJ1 PEU I . 1.52 4.46 12.22
HAJ2 PEU I . 1.47 5.66 11.18
HAL1 PEU I . 0.47 4.77 9.55
HAL2 PEU I . 1.81 5.05 8.77
HAM1 PEU I . 1.60 2.40 8.73
HAM2 PEU I . 1.31 3.34 7.48
HAO1 PEU I . -0.50 1.96 6.70
HAO2 PEU I . -0.12 0.94 7.87
HAP1 PEU I . -2.27 0.45 7.96
HAP2 PEU I . -2.50 1.88 8.59
HAR1 PEU I . -1.86 0.64 5.42
HAR2 PEU I . -3.32 0.13 5.76
HAS1 PEU I . -3.19 1.07 3.54
HAS2 PEU I . -4.26 1.82 4.43
HAU1 PEU I . -3.79 3.58 2.83
HAU2 PEU I . -2.51 4.46 3.12
HAV1 PEU I . -2.28 3.37 1.03
HAV2 PEU I . -2.42 1.96 1.75
HAX1 PEU I . -0.03 2.61 0.30
HAX2 PEU I . -0.26 1.26 1.10
HAY1 PEU I . 1.60 1.84 2.50
HAY2 PEU I . 2.05 1.64 0.99
HBA1 PEU I . 3.70 4.48 1.86
HBA2 PEU I . 3.77 2.93 2.19
HBB1 PEU I . 3.53 2.52 -0.20
HBB2 PEU I . 4.92 3.20 0.18
HCG1 PEU I . 4.50 3.99 -2.33
HCG2 PEU I . 2.99 3.52 -2.26
HCF1 PEU I . 2.87 5.38 -3.59
HCF2 PEU I . 3.92 6.16 -2.70
HCD1 PEU I . 0.66 4.74 -1.86
HCD2 PEU I . 0.78 5.53 -3.23
HCC1 PEU I . -0.27 6.57 -0.81
HCC2 PEU I . -1.09 6.37 -2.15
HCA1 PEU I . 1.89 8.28 -2.74
HCA2 PEU I . 0.99 7.47 -3.78
HBZ1 PEU I . 1.16 10.27 -3.49
HBZ2 PEU I . 0.92 9.45 -4.83
HBX1 PEU I . -1.99 10.28 -2.38
HBX2 PEU I . -0.48 10.27 -1.89
HBW1 PEU I . -0.40 12.12 -3.71
HBW2 PEU I . -0.61 12.45 -2.17
HBU1 PEU I . -3.60 13.62 -2.52
HBU2 PEU I . -2.15 13.85 -1.93
HBT1 PEU I . -2.35 12.13 -0.47
HBT2 PEU I . -3.50 11.44 -1.33
HBR1 PEU I . -4.02 14.93 0.14
HBR2 PEU I . -2.63 14.17 0.28
HBQ1 PEU I . -3.69 13.03 2.21
HBQ2 PEU I . -4.73 14.23 2.16
HBO1 PEU I . -3.18 16.49 1.80
HBO2 PEU I . -4.26 16.16 2.91
HBN1 PEU I . -1.62 17.08 3.36
HBN2 PEU I . -2.45 16.43 4.53
#